data_8W5D
#
_entry.id   8W5D
#
_cell.length_a   1.00
_cell.length_b   1.00
_cell.length_c   1.00
_cell.angle_alpha   90.00
_cell.angle_beta   90.00
_cell.angle_gamma   90.00
#
_symmetry.space_group_name_H-M   'P 1'
#
loop_
_entity.id
_entity.type
_entity.pdbx_description
1 polymer 'Heavy chain of Ab1'
2 polymer 'Minor capsid protein A1'
3 polymer 'Light chain of Ab1'
#
loop_
_entity_poly.entity_id
_entity_poly.type
_entity_poly.pdbx_seq_one_letter_code
_entity_poly.pdbx_strand_id
1 'polypeptide(L)'
;VHSQVQLKQSGPGLVQPSQSLSITCTVSGFSLTSYGVHWVRQSPGKGLEWLGVIWSGGNTDYDAAFISRLSIRKDNSKNQ
VFFKMNSLQADDTAIYYCARESQNYYGNTWNYFDYWGQGTTL
;
H
2 'polypeptide(L)'
;AKLETVTLGNIGKDGKQTLVLNPRGVNPTNGVASLSQAGAVPALEKRVTVSVSQPSRNRKNYKVQVKIQNPTACTANGSC
DPSVTRQAYADVTFSFTQYSTDEERAFVRTELAALLASPLLIDAIDQLNPA
;
c,C
3 'polypeptide(L)'
;VHSDIVLTQSPASLAVSLGQRATISCRASESVDNYGISFMNWFQQKPGQPPKLLIYAASNQGSGVPARFSGSGSGTDFSL
NIHPVEEDDTAMYFCQQSKEVPYTFGGGTKLEIK
;
L
#
# COMPACT_ATOMS: atom_id res chain seq x y z
N LEU A 7 0.86 -4.55 -17.53
CA LEU A 7 -0.58 -4.35 -17.47
C LEU A 7 -1.25 -4.83 -18.75
N LYS A 8 -2.54 -5.16 -18.65
CA LYS A 8 -3.31 -5.61 -19.80
C LYS A 8 -4.61 -4.82 -19.88
N GLN A 9 -5.31 -5.00 -21.00
CA GLN A 9 -6.44 -4.16 -21.34
C GLN A 9 -7.28 -4.87 -22.38
N SER A 10 -8.55 -5.12 -22.08
CA SER A 10 -9.43 -5.81 -23.02
C SER A 10 -10.86 -5.46 -22.71
N GLY A 11 -11.60 -5.02 -23.71
CA GLY A 11 -12.99 -4.66 -23.54
C GLY A 11 -13.69 -4.49 -24.86
N PRO A 12 -14.99 -4.74 -24.88
CA PRO A 12 -15.75 -4.61 -26.13
C PRO A 12 -15.92 -3.16 -26.52
N GLY A 13 -15.82 -2.90 -27.83
CA GLY A 13 -15.95 -1.57 -28.37
C GLY A 13 -17.10 -1.49 -29.35
N LEU A 14 -17.45 -0.24 -29.70
CA LEU A 14 -18.48 0.10 -30.68
C LEU A 14 -19.85 -0.47 -30.28
N VAL A 15 -20.33 -0.01 -29.13
CA VAL A 15 -21.60 -0.48 -28.57
C VAL A 15 -22.71 0.47 -29.00
N GLN A 16 -23.89 -0.09 -29.26
CA GLN A 16 -25.06 0.72 -29.49
C GLN A 16 -25.49 1.41 -28.19
N PRO A 17 -26.04 2.62 -28.27
CA PRO A 17 -26.24 3.44 -27.06
C PRO A 17 -27.34 2.90 -26.16
N SER A 18 -27.46 3.57 -25.00
CA SER A 18 -28.45 3.31 -23.95
C SER A 18 -28.36 1.87 -23.42
N GLN A 19 -27.14 1.43 -23.12
CA GLN A 19 -26.92 0.12 -22.52
C GLN A 19 -25.81 0.21 -21.49
N SER A 20 -25.52 -0.93 -20.88
CA SER A 20 -24.36 -1.08 -20.01
C SER A 20 -23.10 -1.24 -20.88
N LEU A 21 -21.94 -1.08 -20.23
CA LEU A 21 -20.67 -1.19 -20.92
C LEU A 21 -19.60 -1.46 -19.88
N SER A 22 -18.85 -2.56 -20.03
CA SER A 22 -17.94 -3.02 -19.00
C SER A 22 -16.54 -3.22 -19.57
N ILE A 23 -15.54 -3.00 -18.71
CA ILE A 23 -14.13 -3.12 -19.06
C ILE A 23 -13.45 -3.91 -17.97
N THR A 24 -12.67 -4.92 -18.34
CA THR A 24 -11.83 -5.62 -17.38
C THR A 24 -10.37 -5.19 -17.53
N CYS A 25 -9.62 -5.37 -16.45
CA CYS A 25 -8.18 -5.23 -16.49
C CYS A 25 -7.56 -6.09 -15.40
N THR A 26 -6.44 -6.70 -15.73
CA THR A 26 -5.59 -7.47 -14.84
C THR A 26 -4.33 -6.68 -14.56
N VAL A 27 -3.41 -7.28 -13.81
CA VAL A 27 -2.09 -6.71 -13.59
C VAL A 27 -1.11 -7.84 -13.33
N SER A 28 0.05 -7.77 -13.97
CA SER A 28 1.08 -8.79 -13.81
C SER A 28 2.36 -8.22 -13.23
N GLY A 29 2.33 -7.01 -12.69
CA GLY A 29 3.51 -6.39 -12.13
C GLY A 29 3.48 -6.46 -10.62
N PHE A 30 3.02 -5.39 -9.99
CA PHE A 30 2.92 -5.29 -8.55
C PHE A 30 1.84 -6.22 -8.01
N SER A 31 1.68 -6.19 -6.69
CA SER A 31 0.58 -6.87 -6.02
C SER A 31 -0.50 -5.86 -5.70
N LEU A 32 -1.75 -6.20 -6.02
CA LEU A 32 -2.84 -5.23 -6.06
C LEU A 32 -3.28 -4.78 -4.68
N THR A 33 -2.82 -5.45 -3.62
CA THR A 33 -3.27 -5.17 -2.26
C THR A 33 -2.83 -3.79 -1.79
N SER A 34 -1.55 -3.46 -1.96
CA SER A 34 -1.00 -2.24 -1.40
C SER A 34 -0.76 -1.16 -2.45
N TYR A 35 -1.63 -1.07 -3.45
CA TYR A 35 -1.52 -0.04 -4.48
C TYR A 35 -2.91 0.46 -4.81
N GLY A 36 -3.05 1.17 -5.92
CA GLY A 36 -4.33 1.67 -6.34
C GLY A 36 -4.46 1.68 -7.84
N VAL A 37 -5.70 1.67 -8.30
CA VAL A 37 -6.02 1.64 -9.72
C VAL A 37 -6.73 2.94 -10.06
N HIS A 38 -6.28 3.61 -11.12
CA HIS A 38 -6.89 4.85 -11.54
C HIS A 38 -7.43 4.75 -12.97
N TRP A 39 -8.49 5.52 -13.24
CA TRP A 39 -9.18 5.49 -14.53
C TRP A 39 -9.47 6.90 -15.02
N VAL A 40 -9.06 7.19 -16.25
CA VAL A 40 -9.33 8.47 -16.90
C VAL A 40 -9.94 8.21 -18.27
N ARG A 41 -10.69 9.19 -18.75
CA ARG A 41 -11.10 9.19 -20.14
C ARG A 41 -10.28 10.21 -20.91
N GLN A 42 -10.28 10.06 -22.23
CA GLN A 42 -9.57 10.99 -23.10
C GLN A 42 -10.36 11.10 -24.38
N SER A 43 -10.92 12.27 -24.61
CA SER A 43 -11.73 12.59 -25.77
C SER A 43 -10.98 13.54 -26.70
N PRO A 44 -11.46 13.71 -27.93
CA PRO A 44 -11.02 14.88 -28.71
C PRO A 44 -11.58 16.19 -28.19
N GLY A 45 -12.64 16.14 -27.38
CA GLY A 45 -13.25 17.36 -26.88
C GLY A 45 -12.45 18.02 -25.77
N LYS A 46 -12.26 17.32 -24.67
CA LYS A 46 -11.45 17.82 -23.56
C LYS A 46 -10.14 17.05 -23.50
N GLY A 47 -9.25 17.50 -22.64
CA GLY A 47 -7.93 16.90 -22.55
C GLY A 47 -7.99 15.50 -21.98
N LEU A 48 -8.28 15.41 -20.68
CA LEU A 48 -8.54 14.16 -19.98
C LEU A 48 -9.13 14.55 -18.63
N GLU A 49 -9.72 13.58 -17.94
CA GLU A 49 -10.75 13.91 -16.96
C GLU A 49 -10.51 13.04 -15.72
N TRP A 50 -11.57 12.81 -14.93
CA TRP A 50 -11.58 12.58 -13.48
C TRP A 50 -10.61 11.54 -12.92
N LEU A 51 -10.36 11.64 -11.62
CA LEU A 51 -9.75 10.52 -10.92
C LEU A 51 -10.61 10.08 -9.75
N GLY A 52 -11.91 9.90 -9.99
CA GLY A 52 -12.72 9.20 -9.01
C GLY A 52 -12.40 7.73 -9.07
N VAL A 53 -11.67 7.22 -8.07
CA VAL A 53 -10.93 5.97 -8.17
C VAL A 53 -11.06 5.20 -6.86
N ILE A 54 -10.38 4.04 -6.81
CA ILE A 54 -10.31 3.23 -5.59
C ILE A 54 -8.88 2.79 -5.34
N TRP A 55 -8.57 2.51 -4.08
CA TRP A 55 -7.28 1.95 -3.71
C TRP A 55 -7.39 1.17 -2.42
N SER A 56 -6.31 0.45 -2.08
CA SER A 56 -6.02 -0.23 -0.84
C SER A 56 -6.94 -1.42 -0.55
N GLY A 57 -7.89 -1.74 -1.40
CA GLY A 57 -8.95 -2.63 -1.01
C GLY A 57 -10.16 -1.92 -0.44
N GLY A 58 -9.98 -0.75 0.14
CA GLY A 58 -11.10 0.05 0.58
C GLY A 58 -11.79 0.71 -0.58
N ASN A 59 -13.01 0.27 -0.88
CA ASN A 59 -13.81 0.87 -1.93
C ASN A 59 -14.12 2.31 -1.55
N THR A 60 -13.84 3.23 -2.46
CA THR A 60 -13.83 4.65 -2.16
C THR A 60 -14.46 5.44 -3.30
N ASP A 61 -14.20 6.74 -3.27
CA ASP A 61 -14.98 7.79 -3.89
C ASP A 61 -15.01 7.71 -5.42
N TYR A 62 -15.89 8.53 -6.00
CA TYR A 62 -16.06 8.68 -7.44
C TYR A 62 -15.86 10.15 -7.81
N ASP A 63 -16.06 10.46 -9.08
CA ASP A 63 -16.14 11.85 -9.49
C ASP A 63 -17.47 12.44 -9.04
N ALA A 64 -17.48 13.75 -8.79
CA ALA A 64 -18.65 14.40 -8.21
C ALA A 64 -19.81 14.47 -9.20
N ALA A 65 -19.52 14.53 -10.50
CA ALA A 65 -20.58 14.73 -11.47
C ALA A 65 -21.28 13.42 -11.82
N PHE A 66 -20.58 12.30 -11.70
CA PHE A 66 -21.05 11.02 -12.24
C PHE A 66 -21.35 9.98 -11.18
N ILE A 67 -21.98 10.35 -10.07
CA ILE A 67 -22.36 9.41 -9.03
C ILE A 67 -23.46 8.51 -9.54
N SER A 68 -24.34 9.05 -10.40
CA SER A 68 -25.52 8.35 -10.90
C SER A 68 -25.20 7.17 -11.81
N ARG A 69 -23.94 6.95 -12.14
CA ARG A 69 -23.49 5.82 -12.96
C ARG A 69 -22.24 5.29 -12.28
N LEU A 70 -21.43 4.55 -13.03
CA LEU A 70 -20.08 4.11 -12.63
C LEU A 70 -20.06 3.20 -11.40
N SER A 71 -20.62 2.01 -11.50
CA SER A 71 -20.36 1.00 -10.51
C SER A 71 -18.91 0.53 -10.62
N ILE A 72 -18.36 0.09 -9.50
CA ILE A 72 -16.96 -0.27 -9.45
C ILE A 72 -16.83 -1.50 -8.56
N ARG A 73 -15.85 -2.36 -8.84
CA ARG A 73 -15.60 -3.53 -8.02
C ARG A 73 -14.09 -3.75 -7.96
N LYS A 74 -13.64 -4.36 -6.87
CA LYS A 74 -12.25 -4.76 -6.73
C LYS A 74 -12.20 -6.21 -6.27
N ASP A 75 -11.25 -6.96 -6.79
CA ASP A 75 -11.15 -8.38 -6.48
C ASP A 75 -9.73 -8.73 -6.08
N ASN A 76 -9.54 -9.99 -5.68
CA ASN A 76 -8.21 -10.53 -5.42
C ASN A 76 -8.06 -11.95 -5.91
N SER A 77 -8.98 -12.45 -6.74
CA SER A 77 -8.91 -13.80 -7.29
C SER A 77 -7.67 -13.95 -8.15
N LYS A 78 -7.65 -13.25 -9.28
CA LYS A 78 -6.39 -12.77 -9.85
C LYS A 78 -6.67 -11.37 -10.40
N ASN A 79 -6.56 -10.38 -9.51
CA ASN A 79 -6.25 -8.99 -9.86
C ASN A 79 -7.28 -8.33 -10.77
N GLN A 80 -8.52 -8.80 -10.75
CA GLN A 80 -9.55 -8.25 -11.62
C GLN A 80 -10.03 -6.91 -11.08
N VAL A 81 -9.97 -5.87 -11.91
CA VAL A 81 -10.43 -4.57 -11.44
C VAL A 81 -11.55 -4.11 -12.37
N PHE A 82 -12.37 -5.05 -12.83
CA PHE A 82 -13.33 -4.74 -13.89
C PHE A 82 -14.45 -3.83 -13.39
N PHE A 83 -14.82 -2.86 -14.21
CA PHE A 83 -15.86 -1.90 -13.88
C PHE A 83 -16.88 -1.82 -15.01
N LYS A 84 -17.97 -1.11 -14.74
CA LYS A 84 -19.09 -1.08 -15.66
C LYS A 84 -19.76 0.28 -15.63
N MET A 85 -20.63 0.49 -16.62
CA MET A 85 -21.34 1.74 -16.82
C MET A 85 -22.77 1.42 -17.21
N ASN A 86 -23.73 2.11 -16.60
CA ASN A 86 -25.14 1.90 -16.91
C ASN A 86 -25.64 3.03 -17.78
N SER A 87 -26.41 2.69 -18.82
CA SER A 87 -27.06 3.62 -19.74
C SER A 87 -26.06 4.56 -20.39
N LEU A 88 -25.21 3.96 -21.24
CA LEU A 88 -24.14 4.68 -21.91
C LEU A 88 -24.72 5.69 -22.89
N GLN A 89 -24.62 6.96 -22.55
CA GLN A 89 -25.10 8.03 -23.40
C GLN A 89 -24.23 8.14 -24.65
N ALA A 90 -24.86 8.50 -25.77
CA ALA A 90 -24.24 8.35 -27.09
C ALA A 90 -23.12 9.34 -27.33
N ASP A 91 -23.12 10.48 -26.67
CA ASP A 91 -22.06 11.47 -26.82
C ASP A 91 -20.92 11.27 -25.84
N ASP A 92 -20.77 10.08 -25.30
CA ASP A 92 -19.65 9.77 -24.42
C ASP A 92 -18.56 9.06 -25.20
N THR A 93 -18.09 9.73 -26.24
CA THR A 93 -17.16 9.14 -27.21
C THR A 93 -15.74 9.50 -26.79
N ALA A 94 -15.01 8.52 -26.28
CA ALA A 94 -13.65 8.76 -25.80
C ALA A 94 -12.90 7.43 -25.77
N ILE A 95 -11.69 7.46 -25.22
CA ILE A 95 -10.87 6.28 -25.01
C ILE A 95 -10.55 6.23 -23.52
N TYR A 96 -10.64 5.04 -22.92
CA TYR A 96 -10.52 4.90 -21.48
C TYR A 96 -9.17 4.31 -21.12
N TYR A 97 -8.53 4.89 -20.11
CA TYR A 97 -7.16 4.55 -19.72
C TYR A 97 -7.12 4.17 -18.24
N CYS A 98 -6.33 3.13 -17.94
CA CYS A 98 -6.10 2.70 -16.57
C CYS A 98 -4.66 2.99 -16.16
N ALA A 99 -4.45 3.03 -14.85
CA ALA A 99 -3.20 3.50 -14.27
C ALA A 99 -3.00 2.88 -12.89
N ARG A 100 -1.76 2.91 -12.42
CA ARG A 100 -1.41 2.47 -11.07
C ARG A 100 -0.98 3.65 -10.23
N GLU A 101 -0.91 3.41 -8.94
CA GLU A 101 -0.69 4.48 -7.97
C GLU A 101 -0.20 3.85 -6.68
N SER A 102 0.75 4.51 -6.04
CA SER A 102 1.36 3.97 -4.82
C SER A 102 0.92 4.79 -3.63
N GLN A 103 0.45 4.09 -2.61
CA GLN A 103 -0.08 4.65 -1.37
C GLN A 103 1.05 4.77 -0.33
N ASN A 104 2.16 5.34 -0.77
CA ASN A 104 3.44 5.16 -0.11
C ASN A 104 4.30 6.42 -0.16
N TYR A 105 3.73 7.56 0.23
CA TYR A 105 4.50 8.79 0.35
C TYR A 105 5.69 8.59 1.28
N TYR A 106 6.87 8.99 0.80
CA TYR A 106 8.12 8.79 1.54
C TYR A 106 9.02 9.96 1.17
N GLY A 107 8.96 11.00 1.98
CA GLY A 107 9.65 12.23 1.64
C GLY A 107 9.02 12.88 0.43
N ASN A 108 9.71 12.79 -0.70
CA ASN A 108 9.14 13.17 -1.98
C ASN A 108 9.35 12.14 -3.08
N THR A 109 10.38 11.30 -2.99
CA THR A 109 10.53 10.19 -3.92
C THR A 109 9.40 9.21 -3.69
N TRP A 110 8.46 9.17 -4.63
CA TRP A 110 7.20 8.49 -4.40
C TRP A 110 6.66 7.96 -5.73
N ASN A 111 6.36 6.66 -5.76
CA ASN A 111 6.06 5.98 -7.01
C ASN A 111 4.68 6.36 -7.51
N TYR A 112 4.55 6.45 -8.83
CA TYR A 112 3.40 7.13 -9.41
C TYR A 112 3.28 6.88 -10.91
N PHE A 113 2.08 6.44 -11.35
CA PHE A 113 1.60 6.50 -12.74
C PHE A 113 2.52 5.79 -13.75
N ASP A 114 2.53 4.47 -13.66
CA ASP A 114 3.01 3.62 -14.75
C ASP A 114 1.80 2.96 -15.40
N TYR A 115 1.44 3.41 -16.60
CA TYR A 115 0.19 2.99 -17.22
C TYR A 115 0.17 1.54 -17.64
N ALA B 1 -14.21 -16.71 10.05
CA ALA B 1 -14.77 -17.75 10.89
C ALA B 1 -14.72 -19.10 10.18
N LYS B 2 -15.66 -19.31 9.28
CA LYS B 2 -15.66 -20.48 8.41
C LYS B 2 -14.59 -20.28 7.35
N LEU B 3 -13.42 -20.86 7.57
CA LEU B 3 -12.27 -20.63 6.70
C LEU B 3 -12.35 -21.51 5.46
N GLU B 4 -11.76 -21.02 4.37
CA GLU B 4 -11.70 -21.76 3.12
C GLU B 4 -10.32 -21.59 2.52
N THR B 5 -10.20 -21.97 1.26
CA THR B 5 -8.93 -21.94 0.52
C THR B 5 -8.52 -20.49 0.31
N VAL B 6 -7.50 -20.05 1.03
CA VAL B 6 -6.93 -18.73 0.84
C VAL B 6 -5.84 -18.82 -0.21
N THR B 7 -5.99 -18.09 -1.31
CA THR B 7 -4.92 -18.02 -2.29
C THR B 7 -4.58 -16.57 -2.52
N LEU B 8 -3.31 -16.24 -2.39
CA LEU B 8 -2.80 -14.91 -2.64
C LEU B 8 -2.24 -14.84 -4.05
N GLY B 9 -2.41 -13.69 -4.70
CA GLY B 9 -2.05 -13.50 -6.08
C GLY B 9 -0.83 -12.59 -6.23
N ASN B 10 0.17 -13.11 -6.94
CA ASN B 10 1.26 -12.33 -7.52
C ASN B 10 2.07 -11.58 -6.47
N ILE B 11 2.73 -12.35 -5.61
CA ILE B 11 3.59 -11.78 -4.58
C ILE B 11 4.98 -12.42 -4.66
N GLY B 12 5.98 -11.61 -4.34
CA GLY B 12 7.35 -12.03 -4.13
C GLY B 12 8.29 -11.44 -5.15
N LYS B 13 8.86 -10.29 -4.79
CA LYS B 13 9.97 -9.55 -5.41
C LYS B 13 9.61 -8.96 -6.78
N ASP B 14 8.58 -9.50 -7.43
CA ASP B 14 8.07 -9.15 -8.75
C ASP B 14 6.90 -10.06 -9.07
N GLY B 15 5.98 -9.58 -9.92
CA GLY B 15 5.19 -10.37 -10.84
C GLY B 15 4.61 -11.73 -10.47
N LYS B 16 5.06 -12.74 -11.18
CA LYS B 16 4.28 -13.95 -11.44
C LYS B 16 4.60 -15.07 -10.45
N GLN B 17 4.16 -14.89 -9.20
CA GLN B 17 4.23 -15.95 -8.20
C GLN B 17 2.94 -15.95 -7.39
N THR B 18 2.03 -16.87 -7.70
CA THR B 18 0.82 -17.06 -6.92
C THR B 18 1.10 -17.96 -5.72
N LEU B 19 0.11 -18.12 -4.86
CA LEU B 19 0.29 -18.93 -3.66
C LEU B 19 -1.07 -19.46 -3.21
N VAL B 20 -1.31 -20.75 -3.35
CA VAL B 20 -2.55 -21.33 -2.87
C VAL B 20 -2.35 -21.81 -1.45
N LEU B 21 -3.44 -21.98 -0.72
CA LEU B 21 -3.42 -22.57 0.61
C LEU B 21 -4.62 -23.48 0.77
N ASN B 22 -4.59 -24.27 1.84
CA ASN B 22 -5.69 -25.12 2.24
C ASN B 22 -5.73 -25.14 3.76
N PRO B 23 -6.91 -25.29 4.34
CA PRO B 23 -6.97 -25.48 5.80
C PRO B 23 -6.48 -26.85 6.17
N ARG B 24 -5.97 -26.96 7.40
CA ARG B 24 -5.45 -28.21 7.91
C ARG B 24 -5.96 -28.45 9.32
N GLY B 25 -7.26 -28.27 9.50
CA GLY B 25 -7.91 -28.54 10.76
C GLY B 25 -7.60 -27.50 11.82
N VAL B 26 -8.09 -27.78 13.01
CA VAL B 26 -7.86 -26.93 14.18
C VAL B 26 -7.18 -27.78 15.24
N ASN B 27 -6.04 -27.29 15.73
CA ASN B 27 -5.34 -27.95 16.82
C ASN B 27 -6.06 -27.66 18.14
N PRO B 28 -6.67 -28.66 18.76
CA PRO B 28 -7.51 -28.40 19.93
C PRO B 28 -6.74 -28.19 21.23
N THR B 29 -5.41 -28.33 21.20
CA THR B 29 -4.63 -28.15 22.42
C THR B 29 -4.65 -26.70 22.88
N ASN B 30 -4.56 -25.77 21.95
CA ASN B 30 -4.58 -24.36 22.29
C ASN B 30 -5.38 -23.50 21.31
N GLY B 31 -6.01 -24.08 20.31
CA GLY B 31 -6.86 -23.33 19.41
C GLY B 31 -6.21 -22.86 18.13
N VAL B 32 -4.97 -23.28 17.87
CA VAL B 32 -4.25 -22.78 16.71
C VAL B 32 -4.79 -23.44 15.45
N ALA B 33 -5.18 -22.63 14.47
CA ALA B 33 -5.58 -23.12 13.17
C ALA B 33 -4.44 -22.99 12.19
N SER B 34 -4.39 -23.90 11.22
CA SER B 34 -3.26 -24.02 10.31
C SER B 34 -3.72 -23.91 8.87
N LEU B 35 -2.86 -23.32 8.05
CA LEU B 35 -3.06 -23.19 6.62
C LEU B 35 -1.77 -23.61 5.94
N SER B 36 -1.88 -24.26 4.78
CA SER B 36 -0.68 -24.85 4.20
C SER B 36 -0.80 -24.95 2.69
N GLN B 37 0.35 -24.88 2.02
CA GLN B 37 0.39 -25.05 0.57
C GLN B 37 0.49 -26.52 0.22
N ALA B 38 -0.25 -26.93 -0.81
CA ALA B 38 -0.22 -28.31 -1.29
C ALA B 38 1.11 -28.55 -1.99
N GLY B 39 2.13 -28.81 -1.19
CA GLY B 39 3.45 -29.10 -1.72
C GLY B 39 3.59 -30.55 -2.11
N ALA B 40 4.74 -30.86 -2.70
CA ALA B 40 5.00 -32.23 -3.12
C ALA B 40 5.24 -33.13 -1.91
N VAL B 41 6.28 -32.84 -1.16
CA VAL B 41 6.63 -33.61 0.03
C VAL B 41 6.15 -32.84 1.25
N PRO B 42 5.44 -33.47 2.19
CA PRO B 42 4.88 -32.73 3.32
C PRO B 42 5.88 -32.25 4.35
N ALA B 43 7.18 -32.42 4.13
CA ALA B 43 8.16 -31.72 4.94
C ALA B 43 8.49 -30.35 4.38
N LEU B 44 8.03 -30.03 3.18
CA LEU B 44 8.23 -28.73 2.55
C LEU B 44 6.86 -28.09 2.42
N GLU B 45 6.42 -27.42 3.47
CA GLU B 45 5.07 -26.88 3.53
C GLU B 45 5.16 -25.41 3.87
N LYS B 46 4.79 -24.56 2.92
CA LYS B 46 4.54 -23.15 3.22
C LYS B 46 3.36 -23.09 4.17
N ARG B 47 3.60 -22.79 5.44
CA ARG B 47 2.55 -22.87 6.44
C ARG B 47 2.32 -21.53 7.13
N VAL B 48 1.07 -21.27 7.45
CA VAL B 48 0.64 -20.07 8.15
C VAL B 48 -0.30 -20.52 9.26
N THR B 49 0.04 -20.19 10.49
CA THR B 49 -0.81 -20.55 11.62
C THR B 49 -1.38 -19.29 12.24
N VAL B 50 -2.66 -19.33 12.60
CA VAL B 50 -3.30 -18.23 13.28
C VAL B 50 -3.88 -18.75 14.59
N SER B 51 -4.06 -17.83 15.53
CA SER B 51 -4.65 -18.19 16.81
C SER B 51 -5.35 -16.97 17.40
N VAL B 52 -5.98 -17.18 18.55
CA VAL B 52 -6.56 -16.11 19.34
C VAL B 52 -6.59 -16.62 20.78
N SER B 53 -6.76 -15.71 21.73
CA SER B 53 -6.76 -16.09 23.14
C SER B 53 -8.06 -15.67 23.80
N GLN B 54 -8.10 -15.87 25.10
CA GLN B 54 -9.20 -15.50 25.98
C GLN B 54 -8.59 -15.01 27.29
N PRO B 55 -9.28 -14.11 28.03
CA PRO B 55 -8.70 -13.61 29.27
C PRO B 55 -8.61 -14.65 30.37
N LYS B 60 -7.77 -10.05 31.46
CA LYS B 60 -6.44 -9.52 31.22
C LYS B 60 -6.36 -8.76 29.91
N ASN B 61 -6.08 -9.48 28.83
CA ASN B 61 -5.84 -8.88 27.52
C ASN B 61 -5.99 -9.97 26.46
N TYR B 62 -5.56 -9.66 25.24
CA TYR B 62 -5.71 -10.53 24.09
C TYR B 62 -4.37 -10.74 23.41
N LYS B 63 -4.23 -11.87 22.73
CA LYS B 63 -2.94 -12.32 22.22
C LYS B 63 -3.05 -12.86 20.80
N VAL B 64 -3.61 -12.06 19.89
CA VAL B 64 -3.89 -12.55 18.53
C VAL B 64 -2.58 -12.77 17.80
N GLN B 65 -2.25 -14.03 17.51
CA GLN B 65 -0.92 -14.41 17.07
C GLN B 65 -0.97 -15.07 15.70
N VAL B 66 -0.14 -14.56 14.78
CA VAL B 66 0.00 -15.08 13.42
C VAL B 66 1.44 -15.48 13.23
N LYS B 67 1.67 -16.76 12.99
CA LYS B 67 3.01 -17.35 12.97
C LYS B 67 3.20 -18.06 11.63
N ILE B 68 4.03 -17.49 10.77
CA ILE B 68 4.18 -17.94 9.39
C ILE B 68 5.59 -18.45 9.18
N GLN B 69 5.71 -19.58 8.49
CA GLN B 69 7.01 -20.16 8.24
C GLN B 69 6.98 -20.95 6.94
N ASN B 70 8.11 -20.95 6.24
CA ASN B 70 8.20 -21.59 4.93
C ASN B 70 9.64 -22.02 4.67
N PRO B 71 9.99 -23.25 5.02
CA PRO B 71 11.34 -23.73 4.76
C PRO B 71 11.57 -24.00 3.28
N THR B 72 12.83 -23.95 2.89
CA THR B 72 13.27 -24.39 1.58
C THR B 72 14.30 -25.50 1.72
N ALA B 73 14.55 -26.20 0.62
CA ALA B 73 15.35 -27.41 0.67
C ALA B 73 16.30 -27.44 -0.51
N CYS B 74 17.12 -28.48 -0.55
CA CYS B 74 18.03 -28.74 -1.66
C CYS B 74 18.29 -30.23 -1.71
N THR B 75 18.48 -30.74 -2.93
CA THR B 75 18.76 -32.16 -3.11
C THR B 75 20.22 -32.40 -2.78
N ALA B 76 20.50 -32.51 -1.49
CA ALA B 76 21.85 -32.79 -1.04
C ALA B 76 22.25 -34.22 -1.39
N ASN B 77 23.46 -34.37 -1.91
CA ASN B 77 23.94 -35.67 -2.36
C ASN B 77 24.26 -36.52 -1.13
N GLY B 78 23.46 -37.56 -0.91
CA GLY B 78 23.66 -38.42 0.24
C GLY B 78 22.37 -38.89 0.87
N SER B 79 21.24 -38.35 0.43
CA SER B 79 19.94 -38.74 0.94
C SER B 79 19.01 -39.05 -0.23
N CYS B 80 17.99 -39.84 0.05
CA CYS B 80 16.99 -40.12 -0.96
C CYS B 80 16.11 -38.91 -1.20
N ASP B 81 15.40 -38.46 -0.18
CA ASP B 81 14.55 -37.29 -0.28
C ASP B 81 15.39 -36.02 -0.23
N PRO B 82 14.86 -34.90 -0.73
CA PRO B 82 15.47 -33.62 -0.41
C PRO B 82 15.26 -33.27 1.06
N SER B 83 16.17 -32.45 1.59
CA SER B 83 16.20 -32.17 3.02
C SER B 83 16.24 -30.67 3.26
N VAL B 84 15.59 -30.27 4.35
CA VAL B 84 15.56 -28.87 4.74
C VAL B 84 16.91 -28.46 5.30
N THR B 85 17.38 -27.27 4.94
CA THR B 85 18.57 -26.67 5.52
C THR B 85 18.23 -25.50 6.43
N ARG B 86 17.50 -24.52 5.91
CA ARG B 86 17.27 -23.27 6.59
C ARG B 86 15.78 -23.09 6.87
N GLN B 87 15.47 -22.13 7.73
CA GLN B 87 14.10 -21.74 8.01
C GLN B 87 13.90 -20.31 7.59
N ALA B 88 12.66 -19.86 7.64
CA ALA B 88 12.31 -18.48 7.33
C ALA B 88 11.21 -18.00 8.26
N TYR B 89 11.42 -18.19 9.57
CA TYR B 89 10.42 -17.86 10.59
C TYR B 89 9.98 -16.41 10.53
N ALA B 90 8.71 -16.17 10.80
CA ALA B 90 8.18 -14.83 10.93
C ALA B 90 6.95 -14.93 11.82
N ASP B 91 6.80 -13.99 12.73
CA ASP B 91 5.66 -14.04 13.63
C ASP B 91 5.24 -12.64 14.01
N VAL B 92 3.96 -12.48 14.29
CA VAL B 92 3.40 -11.17 14.61
C VAL B 92 2.29 -11.34 15.63
N THR B 93 2.37 -10.59 16.72
CA THR B 93 1.44 -10.70 17.83
C THR B 93 0.75 -9.37 18.06
N PHE B 94 -0.54 -9.44 18.35
CA PHE B 94 -1.37 -8.27 18.57
C PHE B 94 -1.93 -8.34 19.99
N SER B 95 -1.75 -7.25 20.74
CA SER B 95 -2.20 -7.16 22.12
C SER B 95 -3.19 -6.01 22.24
N PHE B 96 -4.40 -6.31 22.66
CA PHE B 96 -5.48 -5.35 22.82
C PHE B 96 -5.91 -5.36 24.28
N THR B 97 -7.00 -4.65 24.58
CA THR B 97 -7.59 -4.68 25.91
C THR B 97 -9.08 -4.92 25.78
N GLN B 98 -9.75 -5.01 26.93
CA GLN B 98 -11.19 -5.24 26.94
C GLN B 98 -11.96 -4.05 26.40
N TYR B 99 -11.41 -2.85 26.50
CA TYR B 99 -12.18 -1.64 26.26
C TYR B 99 -11.83 -0.98 24.95
N SER B 100 -11.10 -1.66 24.07
CA SER B 100 -10.71 -1.10 22.79
C SER B 100 -11.87 -1.21 21.81
N THR B 101 -12.16 -0.12 21.11
CA THR B 101 -13.26 -0.13 20.16
C THR B 101 -12.83 -0.81 18.86
N ASP B 102 -13.75 -0.81 17.89
CA ASP B 102 -13.47 -1.41 16.58
C ASP B 102 -12.46 -0.57 15.80
N GLU B 103 -12.49 0.75 16.01
CA GLU B 103 -11.70 1.68 15.21
C GLU B 103 -10.21 1.48 15.44
N GLU B 104 -9.79 1.33 16.70
CA GLU B 104 -8.38 1.18 17.03
C GLU B 104 -7.81 -0.10 16.44
N ARG B 105 -8.59 -1.19 16.53
CA ARG B 105 -8.13 -2.47 16.04
C ARG B 105 -7.96 -2.46 14.53
N ALA B 106 -8.96 -1.90 13.82
CA ALA B 106 -8.84 -1.79 12.37
C ALA B 106 -7.71 -0.87 11.95
N PHE B 107 -7.48 0.18 12.74
CA PHE B 107 -6.42 1.14 12.47
C PHE B 107 -5.05 0.48 12.56
N VAL B 108 -4.81 -0.26 13.64
CA VAL B 108 -3.52 -0.95 13.82
C VAL B 108 -3.32 -1.99 12.73
N ARG B 109 -4.40 -2.71 12.39
CA ARG B 109 -4.34 -3.76 11.35
C ARG B 109 -3.88 -3.20 10.02
N THR B 110 -4.65 -2.29 9.44
CA THR B 110 -4.27 -1.85 8.12
C THR B 110 -3.10 -0.86 8.14
N GLU B 111 -2.75 -0.30 9.30
CA GLU B 111 -1.53 0.49 9.39
C GLU B 111 -0.31 -0.40 9.20
N LEU B 112 -0.29 -1.56 9.87
CA LEU B 112 0.80 -2.50 9.65
C LEU B 112 0.76 -3.05 8.22
N ALA B 113 -0.45 -3.28 7.70
CA ALA B 113 -0.61 -3.82 6.35
C ALA B 113 -0.09 -2.87 5.28
N ALA B 114 -0.25 -1.57 5.49
CA ALA B 114 0.28 -0.62 4.52
C ALA B 114 1.75 -0.31 4.79
N LEU B 115 2.18 -0.36 6.04
CA LEU B 115 3.56 -0.02 6.35
C LEU B 115 4.53 -1.12 5.95
N LEU B 116 4.06 -2.36 5.78
CA LEU B 116 4.95 -3.40 5.29
C LEU B 116 5.31 -3.26 3.81
N ALA B 117 4.77 -2.30 3.08
CA ALA B 117 5.20 -2.07 1.70
C ALA B 117 5.92 -0.73 1.54
N SER B 118 6.17 -0.03 2.65
CA SER B 118 6.96 1.19 2.62
C SER B 118 8.40 0.88 2.19
N PRO B 119 9.10 1.83 1.56
CA PRO B 119 10.47 1.54 1.11
C PRO B 119 11.46 1.37 2.25
N LEU B 120 11.14 1.94 3.42
CA LEU B 120 11.96 1.74 4.62
C LEU B 120 12.08 0.27 4.96
N LEU B 121 10.95 -0.44 4.98
CA LEU B 121 11.03 -1.84 5.31
C LEU B 121 11.58 -2.70 4.19
N ILE B 122 11.44 -2.29 2.92
CA ILE B 122 12.00 -3.16 1.89
C ILE B 122 13.51 -3.03 1.88
N ASP B 123 14.03 -1.85 2.20
CA ASP B 123 15.47 -1.73 2.44
C ASP B 123 15.89 -2.56 3.65
N ALA B 124 15.17 -2.41 4.76
CA ALA B 124 15.55 -3.05 6.02
C ALA B 124 15.35 -4.56 6.01
N ILE B 125 14.63 -5.11 5.04
CA ILE B 125 14.48 -6.55 4.92
C ILE B 125 15.35 -7.11 3.81
N ASP B 126 15.23 -6.60 2.59
CA ASP B 126 15.95 -7.23 1.50
C ASP B 126 17.43 -6.85 1.46
N GLN B 127 17.84 -5.81 2.17
CA GLN B 127 19.26 -5.48 2.23
C GLN B 127 19.77 -5.25 3.64
N LEU B 128 18.88 -5.14 4.63
CA LEU B 128 19.15 -5.17 6.07
C LEU B 128 19.93 -3.97 6.58
N ASN B 129 20.20 -2.96 5.75
CA ASN B 129 20.80 -1.74 6.27
C ASN B 129 19.77 -1.02 7.13
N PRO B 130 20.06 -0.75 8.39
CA PRO B 130 19.07 -0.05 9.25
C PRO B 130 18.99 1.43 8.96
N ALA B 131 18.24 2.15 9.78
CA ALA B 131 18.14 3.59 9.63
C ALA B 131 19.37 4.27 10.22
N ALA C 1 17.46 3.47 4.33
CA ALA C 1 18.68 3.89 5.00
C ALA C 1 18.53 5.30 5.53
N LYS C 2 18.68 6.28 4.65
CA LYS C 2 18.41 7.68 5.00
C LYS C 2 16.91 7.87 5.08
N LEU C 3 16.37 7.84 6.29
CA LEU C 3 14.94 7.86 6.49
C LEU C 3 14.41 9.29 6.43
N GLU C 4 13.15 9.43 6.01
CA GLU C 4 12.50 10.72 5.93
C GLU C 4 11.08 10.58 6.46
N THR C 5 10.27 11.59 6.19
CA THR C 5 8.88 11.65 6.65
C THR C 5 8.06 10.60 5.92
N VAL C 6 7.69 9.54 6.64
CA VAL C 6 6.83 8.52 6.10
C VAL C 6 5.39 8.91 6.39
N THR C 7 4.59 9.10 5.34
CA THR C 7 3.16 9.35 5.54
C THR C 7 2.39 8.30 4.75
N LEU C 8 1.47 7.63 5.43
CA LEU C 8 0.60 6.64 4.82
C LEU C 8 -0.73 7.30 4.49
N GLY C 9 -1.34 6.88 3.39
CA GLY C 9 -2.55 7.49 2.88
C GLY C 9 -3.74 6.57 3.03
N ASN C 10 -4.79 7.09 3.67
CA ASN C 10 -6.15 6.57 3.64
C ASN C 10 -6.24 5.13 4.17
N ILE C 11 -5.95 5.00 5.46
CA ILE C 11 -6.04 3.70 6.11
C ILE C 11 -6.90 3.83 7.37
N GLY C 12 -7.62 2.75 7.65
CA GLY C 12 -8.34 2.54 8.90
C GLY C 12 -9.84 2.46 8.68
N LYS C 13 -10.31 1.22 8.49
CA LYS C 13 -11.70 0.75 8.46
C LYS C 13 -12.50 1.25 7.25
N ASP C 14 -12.04 2.34 6.63
CA ASP C 14 -12.63 3.02 5.49
C ASP C 14 -11.77 4.23 5.14
N GLY C 15 -11.80 4.65 3.88
CA GLY C 15 -11.62 6.03 3.45
C GLY C 15 -10.61 6.96 4.08
N LYS C 16 -11.13 8.03 4.68
CA LYS C 16 -10.42 9.30 4.81
C LYS C 16 -9.71 9.43 6.16
N GLN C 17 -8.63 8.67 6.32
CA GLN C 17 -7.75 8.82 7.48
C GLN C 17 -6.29 8.69 7.01
N THR C 18 -5.62 9.82 6.86
CA THR C 18 -4.19 9.82 6.54
C THR C 18 -3.38 9.68 7.82
N LEU C 19 -2.06 9.56 7.67
CA LEU C 19 -1.19 9.37 8.83
C LEU C 19 0.21 9.86 8.48
N VAL C 20 0.62 10.98 9.06
CA VAL C 20 1.97 11.47 8.84
C VAL C 20 2.88 10.90 9.92
N LEU C 21 4.18 10.89 9.64
CA LEU C 21 5.18 10.51 10.63
C LEU C 21 6.39 11.42 10.49
N ASN C 22 7.27 11.35 11.48
CA ASN C 22 8.53 12.05 11.49
C ASN C 22 9.55 11.15 12.15
N PRO C 23 10.82 11.23 11.75
CA PRO C 23 11.86 10.49 12.48
C PRO C 23 12.11 11.15 13.82
N ARG C 24 12.58 10.34 14.77
CA ARG C 24 12.86 10.81 16.11
C ARG C 24 14.21 10.27 16.56
N GLY C 25 15.21 10.40 15.70
CA GLY C 25 16.56 10.01 16.02
C GLY C 25 16.76 8.51 16.05
N VAL C 26 17.96 8.12 16.46
CA VAL C 26 18.33 6.73 16.60
C VAL C 26 18.76 6.50 18.04
N ASN C 27 18.14 5.52 18.69
CA ASN C 27 18.53 5.14 20.05
C ASN C 27 19.82 4.34 20.00
N PRO C 28 20.93 4.87 20.51
CA PRO C 28 22.22 4.20 20.33
C PRO C 28 22.45 3.04 21.28
N THR C 29 21.53 2.77 22.20
CA THR C 29 21.72 1.69 23.15
C THR C 29 21.65 0.33 22.45
N ASN C 30 20.74 0.18 21.51
CA ASN C 30 20.60 -1.07 20.77
C ASN C 30 20.31 -0.88 19.30
N GLY C 31 20.26 0.35 18.80
CA GLY C 31 20.07 0.59 17.38
C GLY C 31 18.65 0.83 16.93
N VAL C 32 17.71 0.94 17.86
CA VAL C 32 16.31 1.08 17.50
C VAL C 32 16.06 2.49 16.99
N ALA C 33 15.48 2.60 15.80
CA ALA C 33 15.05 3.87 15.25
C ALA C 33 13.55 4.05 15.47
N SER C 34 13.14 5.30 15.63
CA SER C 34 11.78 5.62 16.01
C SER C 34 11.13 6.55 14.99
N LEU C 35 9.83 6.37 14.81
CA LEU C 35 9.00 7.20 13.95
C LEU C 35 7.76 7.56 14.74
N SER C 36 7.25 8.78 14.55
CA SER C 36 6.18 9.23 15.42
C SER C 36 5.30 10.26 14.72
N GLN C 37 4.03 10.29 15.12
CA GLN C 37 3.11 11.29 14.60
C GLN C 37 3.20 12.56 15.41
N ALA C 38 3.15 13.70 14.73
CA ALA C 38 3.19 15.01 15.38
C ALA C 38 1.84 15.24 16.06
N GLY C 39 1.71 14.65 17.25
CA GLY C 39 0.51 14.81 18.03
C GLY C 39 0.53 16.09 18.85
N ALA C 40 -0.59 16.35 19.51
CA ALA C 40 -0.70 17.54 20.33
C ALA C 40 0.16 17.41 21.59
N VAL C 41 -0.16 16.44 22.43
CA VAL C 41 0.58 16.19 23.66
C VAL C 41 1.50 15.01 23.42
N PRO C 42 2.79 15.11 23.78
CA PRO C 42 3.73 14.03 23.47
C PRO C 42 3.56 12.76 24.29
N ALA C 43 2.54 12.65 25.13
CA ALA C 43 2.17 11.36 25.69
C ALA C 43 1.23 10.59 24.80
N LEU C 44 0.69 11.22 23.76
CA LEU C 44 -0.20 10.58 22.81
C LEU C 44 0.51 10.57 21.46
N GLU C 45 1.33 9.57 21.24
CA GLU C 45 2.18 9.51 20.06
C GLU C 45 1.96 8.19 19.36
N LYS C 46 1.37 8.24 18.17
CA LYS C 46 1.37 7.08 17.29
C LYS C 46 2.82 6.80 16.92
N ARG C 47 3.40 5.74 17.47
CA ARG C 47 4.82 5.48 17.29
C ARG C 47 5.07 4.14 16.63
N VAL C 48 6.11 4.10 15.80
CA VAL C 48 6.55 2.91 15.10
C VAL C 48 8.05 2.82 15.28
N THR C 49 8.54 1.74 15.85
CA THR C 49 9.96 1.55 16.03
C THR C 49 10.44 0.40 15.16
N VAL C 50 11.59 0.58 14.53
CA VAL C 50 12.21 -0.47 13.74
C VAL C 50 13.60 -0.71 14.28
N SER C 51 14.11 -1.92 14.02
CA SER C 51 15.45 -2.27 14.44
C SER C 51 16.01 -3.33 13.51
N VAL C 52 17.26 -3.70 13.75
CA VAL C 52 17.91 -4.81 13.07
C VAL C 52 19.00 -5.30 14.02
N SER C 53 19.50 -6.50 13.78
CA SER C 53 20.51 -7.07 14.65
C SER C 53 21.76 -7.43 13.85
N GLN C 54 22.71 -8.05 14.54
CA GLN C 54 23.95 -8.55 14.00
C GLN C 54 24.23 -9.89 14.68
N PRO C 55 24.97 -10.81 14.02
CA PRO C 55 25.24 -12.11 14.64
C PRO C 55 26.16 -12.03 15.84
N LYS C 60 25.06 -16.33 14.02
CA LYS C 60 23.82 -16.97 14.45
C LYS C 60 22.71 -16.74 13.42
N ASN C 61 21.99 -15.65 13.58
CA ASN C 61 20.82 -15.35 12.77
C ASN C 61 20.52 -13.85 12.86
N TYR C 62 19.33 -13.47 12.39
CA TYR C 62 18.93 -12.07 12.31
C TYR C 62 17.58 -11.88 12.99
N LYS C 63 17.34 -10.67 13.48
CA LYS C 63 16.20 -10.39 14.37
C LYS C 63 15.50 -9.09 13.98
N VAL C 64 15.11 -8.97 12.72
CA VAL C 64 14.54 -7.71 12.22
C VAL C 64 13.19 -7.47 12.88
N GLN C 65 13.11 -6.45 13.73
CA GLN C 65 11.97 -6.27 14.63
C GLN C 65 11.29 -4.94 14.37
N VAL C 66 9.96 -4.99 14.20
CA VAL C 66 9.12 -3.82 13.99
C VAL C 66 8.06 -3.82 15.07
N LYS C 67 8.09 -2.79 15.91
CA LYS C 67 7.28 -2.71 17.12
C LYS C 67 6.46 -1.42 17.07
N ILE C 68 5.16 -1.55 16.87
CA ILE C 68 4.27 -0.43 16.62
C ILE C 68 3.26 -0.32 17.75
N GLN C 69 3.02 0.91 18.21
CA GLN C 69 2.10 1.11 19.30
C GLN C 69 1.48 2.50 19.17
N ASN C 70 0.22 2.61 19.59
CA ASN C 70 -0.52 3.86 19.45
C ASN C 70 -1.61 3.93 20.51
N PRO C 71 -1.30 4.51 21.66
CA PRO C 71 -2.32 4.65 22.71
C PRO C 71 -3.36 5.68 22.36
N THR C 72 -4.53 5.53 22.96
CA THR C 72 -5.59 6.54 22.92
C THR C 72 -5.93 6.97 24.33
N ALA C 73 -6.63 8.10 24.43
CA ALA C 73 -6.85 8.74 25.72
C ALA C 73 -8.29 9.20 25.81
N CYS C 74 -8.62 9.77 26.96
CA CYS C 74 -9.92 10.38 27.21
C CYS C 74 -9.75 11.44 28.28
N THR C 75 -10.54 12.51 28.17
CA THR C 75 -10.48 13.59 29.14
C THR C 75 -11.25 13.16 30.38
N ALA C 76 -10.58 12.38 31.21
CA ALA C 76 -11.17 11.91 32.46
C ALA C 76 -11.31 13.07 33.42
N ASN C 77 -12.47 13.17 34.07
CA ASN C 77 -12.76 14.26 34.98
C ASN C 77 -11.96 14.05 36.27
N GLY C 78 -10.96 14.90 36.49
CA GLY C 78 -10.15 14.79 37.68
C GLY C 78 -8.69 15.12 37.43
N SER C 79 -8.31 15.30 36.16
CA SER C 79 -6.95 15.65 35.79
C SER C 79 -6.97 16.86 34.86
N CYS C 80 -5.85 17.56 34.82
CA CYS C 80 -5.72 18.67 33.90
C CYS C 80 -5.58 18.17 32.47
N ASP C 81 -4.52 17.41 32.20
CA ASP C 81 -4.30 16.86 30.89
C ASP C 81 -5.19 15.65 30.66
N PRO C 82 -5.43 15.27 29.40
CA PRO C 82 -6.00 13.95 29.14
C PRO C 82 -4.99 12.86 29.47
N SER C 83 -5.50 11.68 29.77
CA SER C 83 -4.67 10.59 30.26
C SER C 83 -4.94 9.32 29.48
N VAL C 84 -3.87 8.54 29.30
CA VAL C 84 -3.97 7.27 28.60
C VAL C 84 -4.67 6.24 29.47
N THR C 85 -5.55 5.46 28.86
CA THR C 85 -6.17 4.32 29.52
C THR C 85 -5.66 2.99 28.99
N ARG C 86 -5.74 2.79 27.69
CA ARG C 86 -5.45 1.51 27.07
C ARG C 86 -4.26 1.64 26.13
N GLN C 87 -3.74 0.49 25.72
CA GLN C 87 -2.68 0.41 24.72
C GLN C 87 -3.20 -0.33 23.51
N ALA C 88 -2.40 -0.34 22.46
CA ALA C 88 -2.71 -1.08 21.25
C ALA C 88 -1.46 -1.69 20.67
N TYR C 89 -0.70 -2.41 21.51
CA TYR C 89 0.59 -2.98 21.13
C TYR C 89 0.47 -3.90 19.92
N ALA C 90 1.49 -3.87 19.07
CA ALA C 90 1.61 -4.80 17.97
C ALA C 90 3.08 -4.92 17.63
N ASP C 91 3.55 -6.13 17.37
CA ASP C 91 4.95 -6.32 17.07
C ASP C 91 5.11 -7.47 16.11
N VAL C 92 6.18 -7.40 15.31
CA VAL C 92 6.43 -8.40 14.29
C VAL C 92 7.93 -8.58 14.15
N THR C 93 8.39 -9.83 14.22
CA THR C 93 9.80 -10.15 14.19
C THR C 93 10.09 -11.08 13.03
N PHE C 94 11.22 -10.84 12.36
CA PHE C 94 11.65 -11.61 11.22
C PHE C 94 12.98 -12.27 11.54
N SER C 95 13.06 -13.57 11.31
CA SER C 95 14.25 -14.35 11.59
C SER C 95 14.73 -15.01 10.31
N PHE C 96 15.95 -14.69 9.90
CA PHE C 96 16.57 -15.19 8.69
C PHE C 96 17.83 -15.96 9.08
N THR C 97 18.60 -16.36 8.07
CA THR C 97 19.90 -16.97 8.32
C THR C 97 20.95 -16.30 7.44
N GLN C 98 22.20 -16.75 7.59
CA GLN C 98 23.28 -16.18 6.81
C GLN C 98 23.16 -16.50 5.34
N TYR C 99 22.53 -17.62 5.00
CA TYR C 99 22.59 -18.15 3.64
C TYR C 99 21.30 -17.93 2.86
N SER C 100 20.41 -17.09 3.36
CA SER C 100 19.15 -16.84 2.68
C SER C 100 19.36 -15.83 1.57
N THR C 101 18.83 -16.12 0.39
CA THR C 101 18.99 -15.23 -0.74
C THR C 101 18.02 -14.05 -0.64
N ASP C 102 18.04 -13.20 -1.66
CA ASP C 102 17.14 -12.05 -1.71
C ASP C 102 15.69 -12.48 -1.92
N GLU C 103 15.51 -13.57 -2.68
CA GLU C 103 14.18 -14.01 -3.10
C GLU C 103 13.31 -14.42 -1.92
N GLU C 104 13.88 -15.19 -0.98
CA GLU C 104 13.13 -15.68 0.16
C GLU C 104 12.69 -14.53 1.06
N ARG C 105 13.58 -13.56 1.27
CA ARG C 105 13.27 -12.43 2.14
C ARG C 105 12.17 -11.57 1.55
N ALA C 106 12.27 -11.27 0.25
CA ALA C 106 11.22 -10.49 -0.41
C ALA C 106 9.89 -11.25 -0.43
N PHE C 107 9.97 -12.58 -0.57
CA PHE C 107 8.77 -13.42 -0.60
C PHE C 107 8.03 -13.38 0.72
N VAL C 108 8.77 -13.56 1.82
CA VAL C 108 8.14 -13.52 3.15
C VAL C 108 7.58 -12.14 3.44
N ARG C 109 8.30 -11.09 3.03
CA ARG C 109 7.87 -9.71 3.25
C ARG C 109 6.52 -9.43 2.60
N THR C 110 6.46 -9.54 1.28
CA THR C 110 5.20 -9.17 0.66
C THR C 110 4.13 -10.24 0.81
N GLU C 111 4.49 -11.46 1.21
CA GLU C 111 3.46 -12.44 1.56
C GLU C 111 2.71 -12.02 2.80
N LEU C 112 3.45 -11.58 3.83
CA LEU C 112 2.77 -11.05 5.01
C LEU C 112 2.02 -9.76 4.69
N ALA C 113 2.60 -8.94 3.80
CA ALA C 113 1.97 -7.67 3.44
C ALA C 113 0.66 -7.86 2.70
N ALA C 114 0.56 -8.90 1.89
CA ALA C 114 -0.71 -9.17 1.21
C ALA C 114 -1.65 -9.97 2.08
N LEU C 115 -1.13 -10.83 2.95
CA LEU C 115 -2.00 -11.66 3.77
C LEU C 115 -2.66 -10.88 4.89
N LEU C 116 -2.10 -9.72 5.27
CA LEU C 116 -2.79 -8.90 6.27
C LEU C 116 -4.05 -8.21 5.75
N ALA C 117 -4.39 -8.32 4.48
CA ALA C 117 -5.65 -7.78 3.98
C ALA C 117 -6.61 -8.87 3.54
N SER C 118 -6.28 -10.13 3.78
CA SER C 118 -7.17 -11.24 3.51
C SER C 118 -8.39 -11.16 4.44
N PRO C 119 -9.55 -11.67 4.02
CA PRO C 119 -10.73 -11.58 4.88
C PRO C 119 -10.65 -12.43 6.13
N LEU C 120 -9.82 -13.47 6.10
CA LEU C 120 -9.57 -14.29 7.29
C LEU C 120 -9.04 -13.44 8.43
N LEU C 121 -8.04 -12.61 8.15
CA LEU C 121 -7.51 -11.80 9.23
C LEU C 121 -8.40 -10.63 9.60
N ILE C 122 -9.23 -10.12 8.69
CA ILE C 122 -10.07 -9.00 9.11
C ILE C 122 -11.19 -9.52 10.01
N ASP C 123 -11.67 -10.75 9.76
CA ASP C 123 -12.58 -11.39 10.71
C ASP C 123 -11.86 -11.63 12.05
N ALA C 124 -10.67 -12.22 11.99
CA ALA C 124 -9.95 -12.61 13.19
C ALA C 124 -9.41 -11.43 14.00
N ILE C 125 -9.38 -10.23 13.44
CA ILE C 125 -8.97 -9.06 14.18
C ILE C 125 -10.16 -8.20 14.59
N ASP C 126 -11.01 -7.82 13.64
CA ASP C 126 -12.07 -6.88 14.00
C ASP C 126 -13.24 -7.56 14.69
N GLN C 127 -13.36 -8.88 14.65
CA GLN C 127 -14.42 -9.56 15.37
C GLN C 127 -13.92 -10.74 16.19
N LEU C 128 -12.67 -11.16 16.01
CA LEU C 128 -11.92 -12.09 16.83
C LEU C 128 -12.45 -13.52 16.83
N ASN C 129 -13.45 -13.83 16.02
CA ASN C 129 -13.86 -15.22 15.88
C ASN C 129 -12.77 -15.98 15.16
N PRO C 130 -12.20 -17.05 15.74
CA PRO C 130 -11.14 -17.80 15.07
C PRO C 130 -11.66 -18.71 13.96
N ALA C 131 -10.78 -19.52 13.40
CA ALA C 131 -11.19 -20.46 12.38
C ALA C 131 -11.87 -21.67 13.02
N HIS D 2 -13.24 22.14 -7.55
CA HIS D 2 -12.26 23.18 -7.79
C HIS D 2 -11.50 22.85 -9.05
N SER D 3 -11.00 23.86 -9.73
CA SER D 3 -10.30 23.64 -10.98
C SER D 3 -9.25 24.66 -11.17
N ASP D 4 -8.48 24.47 -12.22
CA ASP D 4 -7.40 25.37 -12.49
C ASP D 4 -7.26 25.58 -13.95
N ILE D 5 -6.51 26.62 -14.30
CA ILE D 5 -6.23 27.01 -15.66
C ILE D 5 -4.73 27.17 -15.85
N VAL D 6 -4.20 26.70 -16.97
CA VAL D 6 -2.78 26.92 -17.26
C VAL D 6 -2.42 26.92 -18.75
N LEU D 7 -1.38 27.64 -19.10
CA LEU D 7 -0.94 27.71 -20.46
C LEU D 7 0.55 27.89 -20.45
N VAL D 16 13.98 25.59 -32.17
CA VAL D 16 14.66 24.31 -32.31
C VAL D 16 15.62 24.18 -31.13
N SER D 17 15.74 25.27 -30.37
CA SER D 17 16.56 25.29 -29.18
C SER D 17 16.04 26.40 -28.26
N LEU D 18 16.76 26.57 -27.14
CA LEU D 18 16.61 27.61 -26.12
C LEU D 18 15.38 27.48 -25.25
N GLY D 19 14.46 26.56 -25.58
CA GLY D 19 13.35 26.23 -24.70
C GLY D 19 12.26 27.26 -24.50
N GLN D 20 11.06 26.80 -24.16
CA GLN D 20 10.01 27.68 -23.68
C GLN D 20 9.45 27.05 -22.41
N ARG D 21 8.37 27.58 -21.87
CA ARG D 21 7.81 27.01 -20.65
C ARG D 21 6.32 27.31 -20.57
N ALA D 22 5.64 26.54 -19.73
CA ALA D 22 4.21 26.70 -19.49
C ALA D 22 3.98 27.25 -18.10
N THR D 23 3.04 28.19 -18.00
CA THR D 23 2.67 28.80 -16.73
C THR D 23 1.45 28.09 -16.15
N ILE D 24 0.93 28.63 -15.05
CA ILE D 24 -0.18 28.00 -14.34
C ILE D 24 -0.94 29.06 -13.55
N SER D 25 -2.18 28.73 -13.20
CA SER D 25 -2.99 29.51 -12.28
C SER D 25 -4.04 28.61 -11.65
N CYS D 26 -4.13 28.64 -10.32
CA CYS D 26 -5.06 27.80 -9.58
C CYS D 26 -5.55 28.56 -8.35
N ARG D 27 -6.62 28.05 -7.74
CA ARG D 27 -7.18 28.70 -6.55
C ARG D 27 -6.44 28.31 -5.29
N ALA D 28 -6.54 27.03 -4.91
CA ALA D 28 -5.98 26.57 -3.65
C ALA D 28 -4.51 26.22 -3.84
N SER D 29 -3.69 26.64 -2.87
CA SER D 29 -2.26 26.38 -2.95
C SER D 29 -1.92 24.92 -2.71
N GLU D 30 -2.87 24.13 -2.19
CA GLU D 30 -2.81 22.67 -1.93
C GLU D 30 -1.51 22.29 -1.21
N SER D 31 -1.46 22.70 0.06
CA SER D 31 -0.27 22.58 0.89
C SER D 31 -0.53 21.66 2.08
N VAL D 32 -1.07 20.48 1.79
CA VAL D 32 -1.75 19.66 2.80
C VAL D 32 -0.79 19.08 3.84
N ASP D 33 0.48 18.92 3.51
CA ASP D 33 1.37 18.16 4.38
C ASP D 33 2.62 18.94 4.72
N ASN D 34 3.61 18.24 5.28
CA ASN D 34 4.86 18.87 5.70
C ASN D 34 5.78 18.98 4.49
N TYR D 35 5.45 19.94 3.62
CA TYR D 35 6.19 20.43 2.48
C TYR D 35 6.33 19.45 1.31
N GLY D 36 5.89 18.19 1.46
CA GLY D 36 5.67 17.44 0.25
C GLY D 36 4.24 17.74 -0.11
N ILE D 37 4.06 18.82 -0.87
CA ILE D 37 2.78 19.50 -0.92
C ILE D 37 2.34 19.76 -2.35
N SER D 38 3.23 20.31 -3.15
CA SER D 38 2.88 20.83 -4.46
C SER D 38 2.62 19.65 -5.39
N PHE D 39 1.38 19.17 -5.38
CA PHE D 39 0.98 17.99 -6.15
C PHE D 39 0.72 18.30 -7.62
N MET D 40 1.11 19.48 -8.08
CA MET D 40 0.97 19.84 -9.49
C MET D 40 1.82 18.91 -10.34
N ASN D 41 1.28 18.50 -11.48
CA ASN D 41 1.99 17.58 -12.34
C ASN D 41 2.04 18.12 -13.75
N TRP D 42 2.64 17.33 -14.64
CA TRP D 42 2.90 17.72 -16.01
C TRP D 42 2.68 16.50 -16.88
N PHE D 43 2.14 16.71 -18.08
CA PHE D 43 1.97 15.62 -19.03
C PHE D 43 2.12 16.12 -20.46
N GLN D 44 2.87 15.37 -21.26
CA GLN D 44 2.84 15.48 -22.71
C GLN D 44 2.63 14.09 -23.28
N GLN D 45 1.83 14.01 -24.33
CA GLN D 45 1.52 12.73 -24.97
C GLN D 45 1.83 12.78 -26.46
N LYS D 46 2.33 11.67 -26.96
CA LYS D 46 2.38 11.42 -28.39
C LYS D 46 1.01 10.93 -28.84
N PRO D 47 0.70 11.00 -30.14
CA PRO D 47 -0.63 10.54 -30.59
C PRO D 47 -0.91 9.05 -30.37
N GLY D 48 -0.07 8.16 -30.87
CA GLY D 48 -0.38 6.76 -30.78
C GLY D 48 -0.02 6.08 -29.47
N GLN D 49 0.27 6.83 -28.42
CA GLN D 49 0.76 6.29 -27.16
C GLN D 49 -0.08 6.84 -26.02
N PRO D 50 -0.10 6.14 -24.88
CA PRO D 50 -0.60 6.77 -23.67
C PRO D 50 0.42 7.76 -23.16
N PRO D 51 0.00 8.78 -22.39
CA PRO D 51 0.93 9.83 -21.97
C PRO D 51 1.93 9.34 -20.93
N LYS D 52 3.20 9.49 -21.26
CA LYS D 52 4.29 9.13 -20.37
C LYS D 52 4.34 10.15 -19.23
N LEU D 53 4.80 9.70 -18.06
CA LEU D 53 4.77 10.52 -16.86
C LEU D 53 5.93 11.51 -16.82
N LEU D 54 5.60 12.78 -16.61
CA LEU D 54 6.61 13.82 -16.45
C LEU D 54 6.95 13.95 -14.97
N ILE D 55 7.55 15.08 -14.58
CA ILE D 55 8.00 15.25 -13.20
C ILE D 55 6.80 15.34 -12.26
N TYR D 56 6.87 14.61 -11.15
CA TYR D 56 5.82 14.59 -10.15
C TYR D 56 6.27 15.38 -8.93
N ALA D 57 5.28 15.80 -8.13
CA ALA D 57 5.44 16.65 -6.94
C ALA D 57 6.16 17.97 -7.26
N ALA D 58 6.01 18.41 -8.51
CA ALA D 58 6.35 19.72 -9.06
C ALA D 58 7.84 20.01 -9.18
N SER D 59 8.72 19.18 -8.58
CA SER D 59 10.15 19.40 -8.81
C SER D 59 10.99 18.12 -8.74
N ASN D 60 10.41 16.95 -8.98
CA ASN D 60 11.11 15.77 -8.49
C ASN D 60 11.32 14.68 -9.53
N GLN D 61 11.56 15.06 -10.79
CA GLN D 61 12.36 14.30 -11.76
C GLN D 61 11.83 12.88 -11.98
N GLY D 62 10.68 12.80 -12.66
CA GLY D 62 9.91 11.59 -12.85
C GLY D 62 10.62 10.30 -13.23
N SER D 63 10.03 9.17 -12.87
CA SER D 63 10.70 7.87 -12.98
C SER D 63 10.91 7.52 -14.45
N GLY D 64 12.17 7.60 -14.89
CA GLY D 64 12.52 7.30 -16.25
C GLY D 64 12.48 8.47 -17.19
N VAL D 65 12.56 9.69 -16.69
CA VAL D 65 12.54 10.87 -17.56
C VAL D 65 14.00 11.23 -17.79
N PRO D 66 14.34 11.83 -18.92
CA PRO D 66 15.68 12.44 -19.04
C PRO D 66 15.81 13.66 -18.15
N ALA D 67 17.07 14.05 -17.92
CA ALA D 67 17.37 15.12 -16.98
C ALA D 67 17.02 16.50 -17.50
N ARG D 68 16.72 16.65 -18.79
CA ARG D 68 16.42 17.95 -19.34
C ARG D 68 15.03 18.46 -18.93
N PHE D 69 14.19 17.59 -18.37
CA PHE D 69 12.91 18.01 -17.82
C PHE D 69 13.07 18.34 -16.34
N SER D 70 12.52 19.48 -15.94
CA SER D 70 12.40 19.83 -14.54
C SER D 70 11.28 20.83 -14.38
N GLY D 71 10.87 21.03 -13.12
CA GLY D 71 9.88 22.04 -12.81
C GLY D 71 10.20 22.64 -11.47
N SER D 72 9.60 23.80 -11.20
CA SER D 72 9.87 24.49 -9.94
C SER D 72 8.69 25.39 -9.59
N GLY D 73 8.71 25.85 -8.34
CA GLY D 73 7.74 26.80 -7.85
C GLY D 73 6.84 26.28 -6.76
N SER D 74 6.34 27.18 -5.92
CA SER D 74 5.45 26.82 -4.83
C SER D 74 4.01 26.73 -5.35
N GLY D 75 3.05 26.68 -4.41
CA GLY D 75 1.67 26.46 -4.79
C GLY D 75 1.06 27.63 -5.54
N THR D 76 0.26 27.29 -6.56
CA THR D 76 -0.37 28.20 -7.54
C THR D 76 0.65 29.05 -8.30
N ASP D 77 1.91 28.63 -8.34
CA ASP D 77 2.94 29.36 -9.09
C ASP D 77 3.98 28.32 -9.52
N PHE D 78 3.80 27.78 -10.71
CA PHE D 78 4.60 26.66 -11.19
C PHE D 78 5.20 27.00 -12.55
N SER D 79 6.22 26.25 -12.93
CA SER D 79 7.03 26.63 -14.08
C SER D 79 7.73 25.40 -14.65
N LEU D 80 8.20 25.54 -15.89
CA LEU D 80 8.96 24.52 -16.60
C LEU D 80 10.29 25.13 -17.02
N ASN D 81 11.26 24.25 -17.29
CA ASN D 81 12.50 24.66 -17.95
C ASN D 81 13.06 23.47 -18.72
N ILE D 82 13.03 23.57 -20.05
CA ILE D 82 13.41 22.49 -20.94
C ILE D 82 14.39 22.95 -22.01
N HIS D 83 15.28 23.89 -21.65
CA HIS D 83 16.02 24.72 -22.60
C HIS D 83 16.78 23.99 -23.71
N PRO D 84 17.39 22.80 -23.52
CA PRO D 84 17.75 22.01 -24.71
C PRO D 84 16.64 21.06 -25.14
N VAL D 85 16.31 21.02 -26.43
CA VAL D 85 15.27 20.16 -26.97
C VAL D 85 15.81 19.40 -28.16
N CYS D 95 -0.47 18.32 -20.89
CA CYS D 95 -1.59 18.28 -19.96
C CYS D 95 -1.12 18.54 -18.52
N GLN D 96 -1.87 19.37 -17.80
CA GLN D 96 -1.52 19.78 -16.45
C GLN D 96 -2.61 19.35 -15.48
N GLN D 97 -2.22 18.92 -14.28
CA GLN D 97 -3.22 18.42 -13.35
C GLN D 97 -2.81 18.64 -11.89
N SER D 98 -3.82 18.83 -11.04
CA SER D 98 -3.66 19.06 -9.61
C SER D 98 -4.38 17.96 -8.84
N LYS D 99 -4.00 17.76 -7.59
CA LYS D 99 -4.34 16.53 -6.89
C LYS D 99 -4.78 16.73 -5.44
N GLU D 100 -5.77 17.58 -5.18
CA GLU D 100 -6.18 17.59 -3.79
C GLU D 100 -7.17 16.46 -3.45
N VAL D 101 -8.47 16.62 -3.73
CA VAL D 101 -9.37 15.48 -3.49
C VAL D 101 -9.83 14.72 -4.73
N PRO D 102 -10.45 15.35 -5.80
CA PRO D 102 -10.97 14.50 -6.89
C PRO D 102 -10.03 14.42 -8.09
N TYR D 103 -8.97 15.24 -8.05
CA TYR D 103 -7.93 15.33 -9.07
C TYR D 103 -8.51 15.80 -10.40
N THR D 104 -9.41 16.77 -10.33
CA THR D 104 -9.95 17.38 -11.54
C THR D 104 -9.00 18.44 -12.06
N PHE D 105 -9.10 18.72 -13.36
CA PHE D 105 -8.16 19.58 -14.05
C PHE D 105 -8.65 19.86 -15.46
N GLY D 106 -7.81 20.58 -16.21
CA GLY D 106 -8.04 20.89 -17.60
C GLY D 106 -6.79 20.69 -18.44
N GLY D 107 -6.84 21.12 -19.70
CA GLY D 107 -5.80 20.82 -20.65
C GLY D 107 -5.05 22.06 -21.13
N GLY D 108 -4.16 21.81 -22.09
CA GLY D 108 -3.33 22.85 -22.68
C GLY D 108 -2.42 22.32 -23.76
#